data_5SC7
#
_entry.id   5SC7
#
_cell.length_a   31.209
_cell.length_b   82.106
_cell.length_c   32.401
_cell.angle_alpha   90.000
_cell.angle_beta   118.260
_cell.angle_gamma   90.000
#
_symmetry.space_group_name_H-M   'P 1 21 1'
#
loop_
_entity.id
_entity.type
_entity.pdbx_description
1 polymer 'CD44 antigen'
2 non-polymer "(2R)-1',4'-dihydro-2'H-spiro[pyrrolidine-2,3'-quinolin]-2'-one"
3 non-polymer 'DIMETHYL SULFOXIDE'
4 non-polymer 1,2-ETHANEDIOL
5 non-polymer 'SULFATE ION'
6 water water
#
_entity_poly.entity_id   1
_entity_poly.type   'polypeptide(L)'
_entity_poly.pdbx_seq_one_letter_code
;MNQIDLNVTCRYAGVFHVEKNGRYSISRTEAADLCQAFNSTLPTMDQMKLALSKGFETCRYGFIEGNVVIPRIHPNAICA
ANHTGVYILVTSNTSHYDTYCFNASAPPEEDCTSVTDLPNSFDGPVTITIVNRDGTRYSKKGEYRTHQEDID
;
_entity_poly.pdbx_strand_id   A
#
# COMPACT_ATOMS: atom_id res chain seq x y z
N ASN A 2 6.57 -7.61 19.47
CA ASN A 2 5.44 -6.84 18.95
C ASN A 2 5.95 -6.05 17.76
N GLN A 3 5.93 -6.66 16.58
CA GLN A 3 6.55 -6.12 15.38
C GLN A 3 5.60 -6.16 14.18
N ILE A 4 5.65 -5.12 13.35
CA ILE A 4 4.93 -5.05 12.07
C ILE A 4 5.93 -4.62 11.03
N ASP A 5 6.04 -5.36 9.93
N ASP A 5 6.03 -5.35 9.91
CA ASP A 5 6.91 -5.01 8.79
CA ASP A 5 6.89 -4.97 8.80
C ASP A 5 6.00 -4.49 7.70
C ASP A 5 6.02 -4.50 7.67
N LEU A 6 6.35 -3.34 7.12
CA LEU A 6 5.58 -2.77 6.00
C LEU A 6 6.51 -2.65 4.81
N ASN A 7 6.28 -3.45 3.78
CA ASN A 7 7.07 -3.31 2.54
C ASN A 7 6.41 -2.28 1.69
N VAL A 8 7.16 -1.26 1.27
CA VAL A 8 6.60 -0.18 0.47
C VAL A 8 7.30 -0.07 -0.88
N THR A 9 6.54 0.36 -1.86
CA THR A 9 7.10 0.55 -3.19
C THR A 9 7.45 2.01 -3.50
N CYS A 10 8.06 2.25 -4.68
CA CYS A 10 8.10 3.55 -5.35
C CYS A 10 6.67 4.12 -5.36
N ARG A 11 6.59 5.44 -5.45
CA ARG A 11 5.33 6.15 -5.60
C ARG A 11 5.22 6.55 -7.08
N TYR A 12 4.01 6.52 -7.60
CA TYR A 12 3.72 6.92 -8.98
C TYR A 12 2.58 7.86 -8.94
N ALA A 13 2.80 9.16 -9.21
CA ALA A 13 1.76 10.15 -9.02
C ALA A 13 1.12 10.04 -7.62
N GLY A 14 1.98 9.77 -6.63
CA GLY A 14 1.58 9.70 -5.22
C GLY A 14 1.08 8.35 -4.77
N VAL A 15 0.82 7.43 -5.70
CA VAL A 15 0.26 6.13 -5.34
C VAL A 15 1.33 5.11 -5.09
N PHE A 16 1.19 4.32 -4.01
CA PHE A 16 2.16 3.29 -3.68
C PHE A 16 1.48 2.09 -3.08
N HIS A 17 2.19 0.96 -3.05
CA HIS A 17 1.67 -0.29 -2.53
C HIS A 17 2.36 -0.61 -1.19
N VAL A 18 1.57 -1.14 -0.24
CA VAL A 18 2.07 -1.52 1.08
C VAL A 18 1.64 -2.95 1.34
N GLU A 19 2.62 -3.83 1.65
CA GLU A 19 2.36 -5.22 2.03
C GLU A 19 2.76 -5.36 3.51
N LYS A 20 1.88 -5.91 4.32
CA LYS A 20 2.16 -6.07 5.76
CA LYS A 20 2.17 -6.07 5.75
C LYS A 20 2.60 -7.49 6.09
N ASN A 21 3.72 -7.61 6.78
CA ASN A 21 4.20 -8.92 7.28
C ASN A 21 4.34 -9.99 6.22
N GLY A 22 4.67 -9.59 5.00
CA GLY A 22 5.00 -10.54 3.95
C GLY A 22 3.89 -11.43 3.46
N ARG A 23 2.65 -11.08 3.76
CA ARG A 23 1.51 -11.87 3.30
CA ARG A 23 1.50 -11.90 3.35
C ARG A 23 0.25 -11.03 3.24
N TYR A 24 -0.81 -11.51 2.57
CA TYR A 24 -2.07 -10.74 2.53
C TYR A 24 -2.63 -10.72 3.95
N SER A 25 -2.65 -9.56 4.58
CA SER A 25 -3.00 -9.51 6.01
C SER A 25 -3.70 -8.26 6.44
N ILE A 26 -4.14 -7.44 5.49
CA ILE A 26 -4.74 -6.16 5.84
C ILE A 26 -6.26 -6.17 5.54
N SER A 27 -7.07 -5.81 6.53
CA SER A 27 -8.51 -5.66 6.32
C SER A 27 -8.81 -4.27 5.70
N ARG A 28 -10.05 -4.05 5.23
CA ARG A 28 -10.38 -2.73 4.68
C ARG A 28 -10.24 -1.61 5.72
N THR A 29 -10.66 -1.88 6.98
CA THR A 29 -10.52 -0.84 8.03
C THR A 29 -9.05 -0.60 8.36
N GLU A 30 -8.24 -1.67 8.41
CA GLU A 30 -6.82 -1.47 8.71
C GLU A 30 -6.12 -0.71 7.59
N ALA A 31 -6.53 -0.93 6.34
CA ALA A 31 -5.96 -0.27 5.18
C ALA A 31 -6.11 1.24 5.28
N ALA A 32 -7.31 1.72 5.62
CA ALA A 32 -7.52 3.16 5.74
C ALA A 32 -6.63 3.74 6.84
N ASP A 33 -6.53 3.06 7.98
CA ASP A 33 -5.72 3.54 9.10
C ASP A 33 -4.24 3.54 8.75
N LEU A 34 -3.79 2.52 8.01
CA LEU A 34 -2.41 2.44 7.60
CA LEU A 34 -2.42 2.41 7.58
C LEU A 34 -2.06 3.59 6.67
N CYS A 35 -2.89 3.86 5.64
CA CYS A 35 -2.61 4.99 4.75
C CYS A 35 -2.61 6.29 5.54
N GLN A 36 -3.50 6.43 6.53
CA GLN A 36 -3.52 7.65 7.37
C GLN A 36 -2.20 7.87 8.10
N ALA A 37 -1.52 6.79 8.51
CA ALA A 37 -0.20 6.91 9.14
C ALA A 37 0.87 7.46 8.20
N PHE A 38 0.66 7.32 6.88
CA PHE A 38 1.54 7.88 5.87
C PHE A 38 0.97 9.24 5.37
N ASN A 39 0.04 9.91 6.14
CA ASN A 39 -0.62 11.14 5.66
C ASN A 39 -1.21 10.94 4.27
N SER A 40 -1.79 9.76 4.07
CA SER A 40 -2.29 9.30 2.78
C SER A 40 -3.71 8.78 2.91
N THR A 41 -4.33 8.50 1.77
CA THR A 41 -5.68 7.94 1.75
C THR A 41 -5.70 6.77 0.81
N LEU A 42 -6.79 5.98 0.84
CA LEU A 42 -6.92 4.92 -0.18
CA LEU A 42 -6.96 4.92 -0.17
C LEU A 42 -7.11 5.61 -1.53
N PRO A 43 -6.38 5.21 -2.57
CA PRO A 43 -6.54 5.89 -3.86
C PRO A 43 -7.93 5.76 -4.43
N THR A 44 -8.36 6.76 -5.17
CA THR A 44 -9.57 6.62 -5.96
C THR A 44 -9.16 5.82 -7.21
N MET A 45 -10.13 5.27 -7.91
CA MET A 45 -9.86 4.57 -9.17
C MET A 45 -9.15 5.49 -10.18
N ASP A 46 -9.57 6.77 -10.28
CA ASP A 46 -8.90 7.65 -11.24
C ASP A 46 -7.47 7.99 -10.81
N GLN A 47 -7.20 8.10 -9.49
CA GLN A 47 -5.81 8.32 -9.06
C GLN A 47 -4.96 7.09 -9.40
N MET A 48 -5.52 5.88 -9.22
CA MET A 48 -4.80 4.65 -9.56
C MET A 48 -4.57 4.56 -11.07
N LYS A 49 -5.56 4.94 -11.90
CA LYS A 49 -5.33 4.90 -13.36
C LYS A 49 -4.23 5.86 -13.78
N LEU A 50 -4.14 7.03 -13.14
CA LEU A 50 -3.07 7.96 -13.49
C LEU A 50 -1.72 7.38 -13.06
N ALA A 51 -1.66 6.77 -11.88
CA ALA A 51 -0.39 6.12 -11.44
C ALA A 51 0.04 5.05 -12.42
N LEU A 52 -0.91 4.22 -12.88
CA LEU A 52 -0.64 3.17 -13.87
CA LEU A 52 -0.60 3.17 -13.84
C LEU A 52 0.00 3.77 -15.12
N SER A 53 -0.58 4.90 -15.58
CA SER A 53 -0.07 5.55 -16.80
C SER A 53 1.35 6.06 -16.64
N LYS A 54 1.81 6.33 -15.40
CA LYS A 54 3.15 6.81 -15.12
C LYS A 54 4.14 5.66 -14.88
N GLY A 55 3.69 4.40 -14.93
CA GLY A 55 4.61 3.28 -14.77
C GLY A 55 4.33 2.33 -13.61
N PHE A 56 3.22 2.51 -12.89
CA PHE A 56 2.93 1.65 -11.73
C PHE A 56 2.30 0.33 -12.08
N GLU A 57 2.94 -0.75 -11.63
CA GLU A 57 2.34 -2.07 -11.69
C GLU A 57 2.82 -2.91 -10.53
N THR A 58 1.95 -3.80 -10.07
CA THR A 58 2.33 -4.77 -9.03
C THR A 58 1.76 -6.12 -9.46
N CYS A 59 2.05 -7.17 -8.67
CA CYS A 59 1.44 -8.47 -8.88
C CYS A 59 0.69 -8.87 -7.60
N ARG A 60 0.09 -7.90 -6.91
CA ARG A 60 -0.57 -8.19 -5.64
C ARG A 60 -1.92 -7.48 -5.53
N TYR A 61 -2.93 -8.16 -5.00
CA TYR A 61 -4.22 -7.51 -4.74
C TYR A 61 -4.05 -6.50 -3.61
N GLY A 62 -4.66 -5.33 -3.76
CA GLY A 62 -4.72 -4.36 -2.68
C GLY A 62 -5.92 -3.46 -2.75
N PHE A 63 -6.35 -2.97 -1.60
CA PHE A 63 -7.49 -2.06 -1.55
C PHE A 63 -7.17 -0.73 -2.20
N ILE A 64 -8.18 -0.21 -2.90
CA ILE A 64 -8.35 1.18 -3.25
C ILE A 64 -9.73 1.58 -2.67
N GLU A 65 -10.17 2.83 -2.84
CA GLU A 65 -11.51 3.21 -2.41
C GLU A 65 -12.52 2.47 -3.29
N GLY A 66 -13.29 1.59 -2.69
CA GLY A 66 -14.37 0.92 -3.38
C GLY A 66 -14.08 -0.43 -3.95
N ASN A 67 -12.83 -0.78 -4.23
CA ASN A 67 -12.53 -2.07 -4.84
C ASN A 67 -11.18 -2.61 -4.39
N VAL A 68 -10.89 -3.86 -4.77
CA VAL A 68 -9.58 -4.47 -4.56
C VAL A 68 -9.02 -4.70 -5.97
N VAL A 69 -7.77 -4.25 -6.24
CA VAL A 69 -7.25 -4.22 -7.59
C VAL A 69 -5.81 -4.64 -7.70
N ILE A 70 -5.37 -4.88 -8.94
CA ILE A 70 -3.97 -5.05 -9.29
C ILE A 70 -3.69 -4.15 -10.49
N PRO A 71 -2.83 -3.12 -10.39
CA PRO A 71 -2.48 -2.36 -11.60
C PRO A 71 -1.46 -3.16 -12.43
N ARG A 72 -1.76 -3.33 -13.72
CA ARG A 72 -0.89 -4.09 -14.63
C ARG A 72 -0.53 -3.32 -15.87
N ILE A 73 0.74 -3.32 -16.23
CA ILE A 73 1.20 -2.73 -17.48
C ILE A 73 1.51 -3.87 -18.47
N HIS A 74 2.38 -4.82 -18.05
CA HIS A 74 2.79 -5.91 -18.93
C HIS A 74 2.02 -7.16 -18.67
N PRO A 75 1.48 -7.81 -19.71
CA PRO A 75 0.74 -9.05 -19.46
C PRO A 75 1.64 -10.12 -18.89
N ASN A 76 1.20 -10.72 -17.79
CA ASN A 76 1.94 -11.80 -17.15
C ASN A 76 0.88 -12.81 -16.72
N ALA A 77 1.04 -14.08 -17.14
CA ALA A 77 0.02 -15.09 -16.89
C ALA A 77 -0.29 -15.37 -15.42
N ILE A 78 0.66 -15.10 -14.52
CA ILE A 78 0.41 -15.32 -13.08
C ILE A 78 0.06 -14.03 -12.31
N CYS A 79 -0.12 -12.90 -13.03
CA CYS A 79 -0.49 -11.64 -12.40
C CYS A 79 -1.78 -11.18 -13.04
N ALA A 80 -2.88 -11.23 -12.28
CA ALA A 80 -4.19 -10.80 -12.77
C ALA A 80 -4.61 -11.50 -14.07
N ALA A 81 -4.34 -12.81 -14.14
CA ALA A 81 -4.73 -13.63 -15.30
C ALA A 81 -4.37 -13.02 -16.67
N ASN A 82 -3.15 -12.45 -16.78
CA ASN A 82 -2.61 -11.90 -18.01
C ASN A 82 -3.25 -10.57 -18.45
N HIS A 83 -4.07 -9.96 -17.59
CA HIS A 83 -4.71 -8.71 -17.97
C HIS A 83 -3.78 -7.51 -17.85
N THR A 84 -4.14 -6.43 -18.55
CA THR A 84 -3.47 -5.14 -18.40
C THR A 84 -4.51 -4.11 -17.92
N GLY A 85 -4.04 -2.94 -17.48
CA GLY A 85 -4.89 -1.92 -16.93
C GLY A 85 -5.10 -2.16 -15.44
N VAL A 86 -6.00 -1.40 -14.84
CA VAL A 86 -6.32 -1.63 -13.43
C VAL A 86 -7.26 -2.85 -13.39
N TYR A 87 -6.77 -3.99 -12.97
CA TYR A 87 -7.57 -5.23 -12.90
C TYR A 87 -8.37 -5.20 -11.62
N ILE A 88 -9.68 -5.37 -11.73
CA ILE A 88 -10.56 -5.37 -10.56
C ILE A 88 -10.91 -6.77 -10.14
N LEU A 89 -10.65 -7.11 -8.87
CA LEU A 89 -11.03 -8.42 -8.32
C LEU A 89 -12.55 -8.47 -8.26
N VAL A 90 -13.16 -9.52 -8.85
CA VAL A 90 -14.63 -9.62 -8.86
C VAL A 90 -15.09 -10.61 -7.81
N THR A 91 -14.48 -11.83 -7.75
CA THR A 91 -15.00 -12.87 -6.86
C THR A 91 -13.90 -13.39 -5.97
N SER A 92 -14.14 -13.33 -4.66
CA SER A 92 -13.21 -13.89 -3.70
C SER A 92 -13.98 -14.28 -2.47
N ASN A 93 -13.58 -15.38 -1.83
CA ASN A 93 -14.23 -15.72 -0.55
C ASN A 93 -13.73 -14.84 0.60
N THR A 94 -12.52 -14.29 0.50
CA THR A 94 -11.75 -13.77 1.61
C THR A 94 -11.62 -12.25 1.63
N SER A 95 -11.20 -11.71 2.78
CA SER A 95 -11.31 -10.29 3.07
C SER A 95 -10.01 -9.55 3.31
N HIS A 96 -8.87 -10.26 3.32
CA HIS A 96 -7.59 -9.61 3.66
C HIS A 96 -6.65 -9.56 2.50
N TYR A 97 -6.15 -8.35 2.20
CA TYR A 97 -5.30 -8.16 1.03
C TYR A 97 -4.13 -7.27 1.44
N ASP A 98 -3.38 -6.75 0.47
CA ASP A 98 -2.43 -5.67 0.77
C ASP A 98 -3.23 -4.35 0.64
N THR A 99 -2.56 -3.19 0.64
CA THR A 99 -3.26 -1.95 0.35
C THR A 99 -2.47 -1.08 -0.58
N TYR A 100 -3.18 -0.20 -1.26
CA TYR A 100 -2.56 0.93 -1.95
C TYR A 100 -2.86 2.18 -1.12
N CYS A 101 -1.98 3.18 -1.23
CA CYS A 101 -2.13 4.45 -0.54
C CYS A 101 -1.81 5.57 -1.52
N PHE A 102 -2.34 6.77 -1.27
CA PHE A 102 -2.13 7.91 -2.13
C PHE A 102 -1.70 9.10 -1.27
N ASN A 103 -0.51 9.65 -1.56
CA ASN A 103 0.02 10.82 -0.86
CA ASN A 103 -0.03 10.83 -0.86
C ASN A 103 0.03 11.98 -1.85
N ALA A 104 -0.86 12.96 -1.66
CA ALA A 104 -0.97 14.09 -2.57
C ALA A 104 0.28 14.95 -2.62
N SER A 105 1.17 14.88 -1.62
CA SER A 105 2.38 15.70 -1.59
CA SER A 105 2.38 15.72 -1.63
C SER A 105 3.60 15.07 -2.25
N ALA A 106 3.46 13.83 -2.75
CA ALA A 106 4.55 13.12 -3.41
C ALA A 106 4.76 13.72 -4.79
N PRO A 107 5.85 13.35 -5.47
CA PRO A 107 6.10 13.93 -6.81
C PRO A 107 5.05 13.49 -7.84
N PRO A 108 4.90 14.23 -8.95
CA PRO A 108 3.83 13.93 -9.90
C PRO A 108 4.03 12.67 -10.72
N GLU A 109 5.29 12.21 -10.89
CA GLU A 109 5.52 11.08 -11.76
C GLU A 109 6.16 9.93 -10.94
N GLU A 110 7.17 9.23 -11.44
CA GLU A 110 7.78 8.13 -10.68
C GLU A 110 8.72 8.66 -9.65
N ASP A 111 8.56 8.19 -8.44
CA ASP A 111 9.47 8.52 -7.34
C ASP A 111 9.94 7.21 -6.71
N CYS A 112 11.15 6.79 -7.10
CA CYS A 112 11.76 5.59 -6.57
C CYS A 112 12.81 5.87 -5.55
N THR A 113 12.70 6.98 -4.82
CA THR A 113 13.51 7.18 -3.63
C THR A 113 12.92 6.32 -2.51
N SER A 114 13.72 6.09 -1.47
CA SER A 114 13.27 5.27 -0.35
C SER A 114 12.45 6.09 0.63
N VAL A 115 11.59 5.38 1.36
CA VAL A 115 10.71 5.97 2.37
C VAL A 115 11.43 5.83 3.70
N THR A 116 11.58 6.97 4.39
CA THR A 116 12.37 7.08 5.59
C THR A 116 11.57 7.66 6.78
N ASP A 117 10.22 7.60 6.74
CA ASP A 117 9.37 8.17 7.80
C ASP A 117 7.97 7.57 7.75
N LEU A 118 7.30 7.52 8.90
CA LEU A 118 5.89 7.12 9.05
C LEU A 118 5.34 8.30 9.84
N PRO A 119 5.01 9.41 9.16
CA PRO A 119 4.84 10.68 9.88
C PRO A 119 3.64 10.82 10.78
N ASN A 120 2.60 10.06 10.55
CA ASN A 120 1.35 10.23 11.27
C ASN A 120 0.93 9.02 12.07
N SER A 121 1.88 8.17 12.47
CA SER A 121 1.55 7.09 13.40
C SER A 121 1.34 7.75 14.78
N PHE A 122 0.66 7.04 15.67
CA PHE A 122 0.42 7.57 17.00
C PHE A 122 1.18 6.77 18.05
N ASP A 123 1.13 7.23 19.30
CA ASP A 123 1.81 6.54 20.39
C ASP A 123 1.32 5.10 20.51
N GLY A 124 2.23 4.19 20.77
CA GLY A 124 1.86 2.79 20.95
C GLY A 124 3.06 1.91 21.15
N PRO A 125 2.81 0.61 21.35
CA PRO A 125 3.91 -0.29 21.75
C PRO A 125 4.57 -1.11 20.65
N VAL A 126 4.08 -0.98 19.42
CA VAL A 126 4.56 -1.82 18.31
C VAL A 126 5.82 -1.28 17.64
N THR A 127 6.81 -2.14 17.33
CA THR A 127 7.95 -1.70 16.55
C THR A 127 7.48 -1.84 15.08
N ILE A 128 7.32 -0.72 14.41
CA ILE A 128 6.88 -0.72 13.02
C ILE A 128 8.10 -0.46 12.15
N THR A 129 8.37 -1.36 11.21
CA THR A 129 9.51 -1.20 10.33
C THR A 129 9.07 -1.06 8.88
N ILE A 130 9.47 0.04 8.24
CA ILE A 130 9.26 0.28 6.82
CA ILE A 130 9.26 0.29 6.83
C ILE A 130 10.45 -0.34 6.12
N VAL A 131 10.16 -1.23 5.16
CA VAL A 131 11.17 -1.91 4.37
C VAL A 131 11.05 -1.47 2.93
N ASN A 132 12.10 -0.86 2.40
CA ASN A 132 12.13 -0.47 0.99
C ASN A 132 12.67 -1.62 0.14
N ARG A 133 12.39 -1.61 -1.17
CA ARG A 133 12.84 -2.70 -2.02
C ARG A 133 14.35 -2.83 -2.06
N ASP A 134 15.07 -1.69 -1.92
CA ASP A 134 16.53 -1.73 -1.90
C ASP A 134 17.10 -2.16 -0.55
N GLY A 135 16.24 -2.55 0.40
CA GLY A 135 16.66 -3.11 1.68
C GLY A 135 16.78 -2.07 2.78
N THR A 136 16.77 -0.76 2.44
CA THR A 136 16.88 0.26 3.47
C THR A 136 15.66 0.21 4.36
N ARG A 137 15.87 0.35 5.67
CA ARG A 137 14.79 0.23 6.63
C ARG A 137 14.70 1.42 7.54
N TYR A 138 13.49 1.70 8.00
CA TYR A 138 13.22 2.76 8.98
C TYR A 138 12.29 2.15 10.03
N SER A 139 12.60 2.32 11.30
CA SER A 139 11.76 1.75 12.35
C SER A 139 11.36 2.79 13.36
N LYS A 140 10.17 2.62 13.92
CA LYS A 140 9.71 3.51 14.99
CA LYS A 140 9.62 3.56 14.88
C LYS A 140 8.71 2.77 15.82
N LYS A 141 8.63 3.15 17.10
CA LYS A 141 7.69 2.52 18.02
C LYS A 141 6.39 3.32 17.94
N GLY A 142 5.29 2.63 17.76
CA GLY A 142 4.00 3.31 17.71
C GLY A 142 2.83 2.38 17.45
N GLU A 143 1.79 2.96 16.85
CA GLU A 143 0.59 2.21 16.48
C GLU A 143 -0.10 3.03 15.39
N TYR A 144 -0.88 2.37 14.53
CA TYR A 144 -1.69 3.06 13.55
C TYR A 144 -3.12 2.50 13.49
N ARG A 145 -3.38 1.32 14.12
CA ARG A 145 -4.71 0.69 14.03
C ARG A 145 -5.67 1.28 15.02
N THR A 146 -6.81 1.74 14.56
CA THR A 146 -7.82 2.35 15.43
C THR A 146 -9.00 1.42 15.71
N HIS A 147 -9.10 0.27 15.02
CA HIS A 147 -10.21 -0.65 15.24
C HIS A 147 -9.70 -1.88 16.02
N GLN A 148 -10.27 -2.16 17.21
CA GLN A 148 -9.82 -3.30 18.04
C GLN A 148 -9.80 -4.64 17.33
N GLU A 149 -10.79 -4.89 16.45
CA GLU A 149 -10.87 -6.16 15.71
C GLU A 149 -9.70 -6.37 14.74
N ASP A 150 -8.94 -5.31 14.41
CA ASP A 150 -7.74 -5.46 13.60
C ASP A 150 -6.48 -5.74 14.47
N ILE A 151 -6.55 -5.52 15.78
CA ILE A 151 -5.37 -5.72 16.65
C ILE A 151 -5.28 -7.12 17.25
#